data_3FL5
#
_entry.id   3FL5
#
_cell.length_a   142.743
_cell.length_b   61.078
_cell.length_c   44.797
_cell.angle_alpha   90.000
_cell.angle_beta   103.010
_cell.angle_gamma   90.000
#
_symmetry.space_group_name_H-M   'C 1 2 1'
#
loop_
_entity.id
_entity.type
_entity.pdbx_description
1 polymer 'Casein kinase II subunit alpha'
2 non-polymer DI(HYDROXYETHYL)ETHER
3 non-polymer 1,2,5,8-tetrahydroxyanthracene-9,10-dione
4 water water
#
_entity_poly.entity_id   1
_entity_poly.type   'polypeptide(L)'
_entity_poly.pdbx_seq_one_letter_code
;MSKARVYADVNVLRPKEYWDYEALTVQWGEQDDYEVVRKVGRGKYSEVFEGINVNNNEKCIIKILKPVKKKKIKREIKIL
QNL(CSO)GGPNIVKLLDIVRDQHSKTPSLIFEYVNNTDFKVLYPTLTDYDIRYYIYELLKALDYCHSQGIMHRDVKPHN
VMIDHELRKLRLIDWGLAEFYHPGKEYNVRVASRYFKGPELLVDLQDYDYSLDMWSLGCMFAGMIFRKEPFFYGHDNHDQ
LVKIAKVLGTDGLNVYLNKYRIELDPQLEALVGRHSRKPWLKFMNADNQHLVSPEAIDFLDKLLRYDHQERLTALEAMTH
PYFQQVRAAENSRTRA
;
_entity_poly.pdbx_strand_id   A
#
loop_
_chem_comp.id
_chem_comp.type
_chem_comp.name
_chem_comp.formula
PEG non-polymer DI(HYDROXYETHYL)ETHER 'C4 H10 O3'
TXQ non-polymer 1,2,5,8-tetrahydroxyanthracene-9,10-dione 'C14 H8 O6'
#
# COMPACT_ATOMS: atom_id res chain seq x y z
N SER A 2 12.69 -3.15 17.34
CA SER A 2 12.50 -3.84 16.02
C SER A 2 13.19 -3.06 14.89
N LYS A 3 13.62 -3.80 13.87
CA LYS A 3 14.18 -3.18 12.65
C LYS A 3 13.90 -4.00 11.39
N ALA A 4 14.01 -3.37 10.23
CA ALA A 4 13.83 -4.06 8.95
C ALA A 4 14.95 -5.06 8.67
N ARG A 5 14.57 -6.19 8.05
CA ARG A 5 15.53 -7.24 7.71
C ARG A 5 16.25 -6.95 6.39
N VAL A 6 15.70 -6.04 5.60
CA VAL A 6 16.28 -5.63 4.32
C VAL A 6 16.20 -4.10 4.18
N TYR A 7 17.16 -3.53 3.46
CA TYR A 7 17.19 -2.10 3.12
C TYR A 7 17.16 -1.17 4.35
N ALA A 8 17.60 -1.69 5.50
CA ALA A 8 17.60 -0.90 6.73
C ALA A 8 18.45 0.35 6.64
N ASP A 9 19.54 0.27 5.88
CA ASP A 9 20.57 1.33 5.84
C ASP A 9 20.50 2.23 4.60
N VAL A 10 19.40 2.17 3.86
CA VAL A 10 19.25 2.95 2.62
C VAL A 10 19.39 4.44 2.89
N ASN A 11 18.59 4.94 3.84
CA ASN A 11 18.59 6.35 4.22
C ASN A 11 19.72 6.73 5.18
N VAL A 12 20.46 5.73 5.64
CA VAL A 12 21.66 5.97 6.46
C VAL A 12 22.82 6.34 5.53
N LEU A 13 22.93 5.65 4.40
CA LEU A 13 24.04 5.81 3.47
C LEU A 13 23.84 6.90 2.41
N ARG A 14 22.61 7.34 2.22
CA ARG A 14 22.34 8.33 1.19
C ARG A 14 22.55 9.75 1.72
N PRO A 15 22.81 10.72 0.80
CA PRO A 15 22.92 12.11 1.25
C PRO A 15 21.67 12.51 2.02
N LYS A 16 21.83 13.40 3.00
CA LYS A 16 20.70 13.87 3.81
C LYS A 16 19.60 14.47 2.94
N GLU A 17 20.01 15.17 1.88
CA GLU A 17 19.10 15.76 0.90
C GLU A 17 18.07 14.77 0.33
N TYR A 18 18.40 13.47 0.33
CA TYR A 18 17.51 12.44 -0.20
C TYR A 18 16.25 12.26 0.65
N TRP A 19 16.44 12.18 1.97
CA TRP A 19 15.35 11.92 2.91
C TRP A 19 14.83 13.15 3.67
N ASP A 20 15.62 14.21 3.67
CA ASP A 20 15.28 15.42 4.39
C ASP A 20 14.33 16.27 3.56
N TYR A 21 13.07 15.85 3.54
CA TYR A 21 12.04 16.47 2.69
C TYR A 21 11.60 17.85 3.14
N GLU A 22 11.75 18.14 4.44
CA GLU A 22 11.42 19.46 4.99
C GLU A 22 12.31 20.58 4.44
N ALA A 23 13.51 20.21 3.97
CA ALA A 23 14.46 21.16 3.37
C ALA A 23 14.18 21.40 1.88
N LEU A 24 13.24 20.65 1.31
CA LEU A 24 12.82 20.83 -0.08
C LEU A 24 12.19 22.21 -0.27
N THR A 25 12.51 22.83 -1.40
CA THR A 25 11.82 24.05 -1.80
C THR A 25 11.18 23.83 -3.18
N VAL A 26 9.86 23.91 -3.21
CA VAL A 26 9.06 23.54 -4.38
C VAL A 26 9.23 24.55 -5.51
N GLN A 27 9.49 24.04 -6.71
CA GLN A 27 9.51 24.87 -7.92
C GLN A 27 8.13 24.80 -8.58
N TRP A 28 7.32 25.83 -8.33
CA TRP A 28 5.94 25.88 -8.79
C TRP A 28 5.84 26.18 -10.28
N GLY A 29 5.24 25.25 -11.03
CA GLY A 29 5.08 25.39 -12.48
C GLY A 29 3.91 26.28 -12.86
N GLU A 30 3.45 26.13 -14.09
CA GLU A 30 2.37 26.98 -14.62
C GLU A 30 0.99 26.37 -14.40
N GLN A 31 0.20 27.02 -13.54
CA GLN A 31 -1.17 26.60 -13.21
C GLN A 31 -2.06 26.49 -14.46
N ASP A 32 -1.87 27.40 -15.41
CA ASP A 32 -2.69 27.46 -16.62
C ASP A 32 -2.35 26.40 -17.67
N ASP A 33 -1.25 25.68 -17.47
CA ASP A 33 -0.79 24.65 -18.40
C ASP A 33 -1.66 23.38 -18.41
N TYR A 34 -2.48 23.21 -17.38
CA TYR A 34 -3.26 21.98 -17.18
C TYR A 34 -4.72 22.26 -16.83
N GLU A 35 -5.60 21.78 -17.71
CA GLU A 35 -7.04 21.96 -17.52
C GLU A 35 -7.74 20.68 -17.08
N VAL A 36 -8.66 20.84 -16.14
CA VAL A 36 -9.51 19.75 -15.67
C VAL A 36 -10.49 19.34 -16.78
N VAL A 37 -10.49 18.06 -17.12
CA VAL A 37 -11.45 17.49 -18.08
C VAL A 37 -12.65 16.86 -17.35
N ARG A 38 -12.37 16.02 -16.36
CA ARG A 38 -13.41 15.28 -15.65
C ARG A 38 -12.92 14.71 -14.32
N LYS A 39 -13.79 14.72 -13.31
CA LYS A 39 -13.50 14.12 -12.02
C LYS A 39 -13.43 12.61 -12.16
N VAL A 40 -12.36 12.02 -11.62
CA VAL A 40 -12.18 10.57 -11.71
C VAL A 40 -12.21 9.88 -10.35
N GLY A 41 -11.99 10.66 -9.29
CA GLY A 41 -12.17 10.15 -7.95
C GLY A 41 -11.60 11.01 -6.85
N ARG A 42 -11.18 10.33 -5.79
CA ARG A 42 -10.57 11.00 -4.65
C ARG A 42 -9.38 10.17 -4.15
N GLY A 43 -8.38 10.88 -3.62
CA GLY A 43 -7.34 10.23 -2.82
C GLY A 43 -7.70 10.38 -1.35
N LYS A 44 -6.75 10.04 -0.48
CA LYS A 44 -6.95 10.17 0.98
C LYS A 44 -7.33 11.58 1.43
N TYR A 45 -6.56 12.59 0.99
CA TYR A 45 -6.82 14.00 1.33
C TYR A 45 -6.82 14.89 0.06
N SER A 46 -7.57 14.47 -0.95
CA SER A 46 -7.51 15.13 -2.26
C SER A 46 -8.72 14.82 -3.15
N GLU A 47 -8.89 15.66 -4.17
CA GLU A 47 -9.82 15.39 -5.29
C GLU A 47 -9.01 15.27 -6.57
N VAL A 48 -9.36 14.28 -7.38
CA VAL A 48 -8.52 13.86 -8.49
C VAL A 48 -9.28 13.90 -9.81
N PHE A 49 -8.60 14.43 -10.83
CA PHE A 49 -9.24 14.72 -12.10
C PHE A 49 -8.39 14.23 -13.27
N GLU A 50 -9.06 13.68 -14.28
CA GLU A 50 -8.45 13.55 -15.58
C GLU A 50 -8.28 14.95 -16.13
N GLY A 51 -7.12 15.21 -16.71
CA GLY A 51 -6.79 16.53 -17.22
C GLY A 51 -6.14 16.48 -18.57
N ILE A 52 -5.76 17.67 -19.06
CA ILE A 52 -5.06 17.81 -20.33
C ILE A 52 -3.97 18.89 -20.21
N ASN A 53 -2.83 18.62 -20.83
CA ASN A 53 -1.79 19.62 -20.98
C ASN A 53 -2.11 20.44 -22.24
N VAL A 54 -2.43 21.71 -22.04
CA VAL A 54 -2.88 22.59 -23.14
C VAL A 54 -1.79 22.92 -24.16
N ASN A 55 -0.54 22.74 -23.77
CA ASN A 55 0.59 22.93 -24.68
C ASN A 55 0.69 21.85 -25.76
N ASN A 56 0.50 20.58 -25.37
CA ASN A 56 0.68 19.46 -26.31
C ASN A 56 -0.49 18.50 -26.42
N ASN A 57 -1.60 18.83 -25.76
CA ASN A 57 -2.83 18.02 -25.74
C ASN A 57 -2.67 16.62 -25.11
N GLU A 58 -1.59 16.42 -24.36
CA GLU A 58 -1.36 15.16 -23.66
C GLU A 58 -2.26 15.05 -22.43
N LYS A 59 -2.85 13.88 -22.25
CA LYS A 59 -3.65 13.60 -21.06
C LYS A 59 -2.75 13.59 -19.83
N CYS A 60 -3.34 13.93 -18.68
CA CYS A 60 -2.64 13.89 -17.41
C CYS A 60 -3.61 13.63 -16.26
N ILE A 61 -3.06 13.42 -15.08
CA ILE A 61 -3.83 13.36 -13.85
C ILE A 61 -3.58 14.62 -13.01
N ILE A 62 -4.66 15.28 -12.61
CA ILE A 62 -4.59 16.46 -11.76
C ILE A 62 -5.10 16.09 -10.38
N LYS A 63 -4.20 16.15 -9.40
CA LYS A 63 -4.53 15.81 -8.01
C LYS A 63 -4.54 17.10 -7.20
N ILE A 64 -5.73 17.58 -6.88
CA ILE A 64 -5.87 18.82 -6.13
C ILE A 64 -5.98 18.46 -4.65
N LEU A 65 -5.02 18.94 -3.88
CA LEU A 65 -4.90 18.56 -2.48
C LEU A 65 -5.82 19.41 -1.61
N LYS A 66 -6.47 18.77 -0.66
CA LYS A 66 -7.22 19.47 0.37
C LYS A 66 -6.24 20.12 1.35
N PRO A 67 -6.67 21.19 2.04
CA PRO A 67 -5.71 21.96 2.85
C PRO A 67 -4.98 21.12 3.88
N VAL A 68 -3.65 21.13 3.80
CA VAL A 68 -2.81 20.35 4.69
C VAL A 68 -1.47 21.06 4.94
N LYS A 69 -0.79 20.66 6.02
CA LYS A 69 0.46 21.27 6.44
C LYS A 69 1.58 21.19 5.39
N LYS A 70 2.43 22.20 5.38
CA LYS A 70 3.54 22.32 4.43
C LYS A 70 4.48 21.11 4.46
N LYS A 71 4.70 20.59 5.67
CA LYS A 71 5.56 19.43 5.88
C LYS A 71 5.07 18.22 5.08
N LYS A 72 3.77 17.98 5.13
CA LYS A 72 3.14 16.83 4.50
C LYS A 72 3.20 16.88 2.97
N ILE A 73 3.02 18.06 2.39
CA ILE A 73 3.09 18.18 0.93
C ILE A 73 4.52 18.00 0.40
N LYS A 74 5.50 18.49 1.15
CA LYS A 74 6.90 18.32 0.82
C LYS A 74 7.28 16.82 0.87
N ARG A 75 6.75 16.12 1.88
CA ARG A 75 6.97 14.69 2.04
C ARG A 75 6.50 13.92 0.79
N GLU A 76 5.26 14.17 0.37
CA GLU A 76 4.73 13.49 -0.81
C GLU A 76 5.53 13.79 -2.07
N ILE A 77 5.83 15.06 -2.29
CA ILE A 77 6.55 15.52 -3.48
C ILE A 77 7.95 14.94 -3.57
N LYS A 78 8.70 14.99 -2.46
CA LYS A 78 10.05 14.41 -2.41
C LYS A 78 10.05 12.89 -2.65
N ILE A 79 9.15 12.17 -1.97
CA ILE A 79 9.04 10.73 -2.17
C ILE A 79 8.73 10.42 -3.64
N LEU A 80 7.83 11.20 -4.24
CA LEU A 80 7.47 11.05 -5.65
C LEU A 80 8.62 11.37 -6.60
N GLN A 81 9.45 12.36 -6.26
CA GLN A 81 10.62 12.68 -7.08
C GLN A 81 11.69 11.60 -6.96
N ASN A 82 11.89 11.10 -5.74
CA ASN A 82 12.81 10.00 -5.47
C ASN A 82 12.43 8.71 -6.20
N LEU A 83 11.13 8.45 -6.33
CA LEU A 83 10.63 7.20 -6.91
C LEU A 83 10.32 7.26 -8.42
N CSO A 84 10.37 8.47 -9.00
CA CSO A 84 10.22 8.64 -10.44
CB CSO A 84 10.05 10.14 -10.77
SG CSO A 84 9.19 10.41 -12.34
C CSO A 84 11.54 8.15 -11.10
O CSO A 84 12.59 8.64 -10.73
OD CSO A 84 10.31 10.32 -13.74
N GLY A 85 11.50 7.20 -12.03
CA GLY A 85 10.35 6.42 -12.44
C GLY A 85 10.67 4.94 -12.31
N GLY A 86 10.43 4.41 -11.11
CA GLY A 86 10.59 2.98 -10.84
C GLY A 86 9.44 2.16 -11.40
N PRO A 87 9.58 0.83 -11.38
CA PRO A 87 8.56 -0.02 -12.00
C PRO A 87 7.19 0.12 -11.34
N ASN A 88 6.21 0.51 -12.15
CA ASN A 88 4.80 0.62 -11.75
C ASN A 88 4.49 1.70 -10.71
N ILE A 89 5.37 2.69 -10.59
CA ILE A 89 5.11 3.87 -9.75
C ILE A 89 4.52 4.97 -10.62
N VAL A 90 3.51 5.66 -10.08
CA VAL A 90 2.93 6.82 -10.75
C VAL A 90 4.05 7.85 -11.03
N LYS A 91 3.96 8.55 -12.16
CA LYS A 91 4.98 9.54 -12.51
C LYS A 91 4.54 10.97 -12.24
N LEU A 92 5.14 11.60 -11.23
CA LEU A 92 4.94 13.03 -10.97
C LEU A 92 5.64 13.89 -12.04
N LEU A 93 4.83 14.70 -12.74
CA LEU A 93 5.28 15.47 -13.89
C LEU A 93 5.48 16.96 -13.56
N ASP A 94 4.62 17.51 -12.72
CA ASP A 94 4.63 18.92 -12.40
C ASP A 94 3.89 19.19 -11.10
N ILE A 95 4.22 20.31 -10.48
CA ILE A 95 3.56 20.78 -9.26
C ILE A 95 3.17 22.23 -9.54
N VAL A 96 1.89 22.55 -9.32
CA VAL A 96 1.38 23.92 -9.54
C VAL A 96 0.42 24.31 -8.41
N ARG A 97 -0.05 25.56 -8.44
CA ARG A 97 -0.98 26.05 -7.42
C ARG A 97 -1.81 27.24 -7.92
N ASP A 98 -2.98 27.42 -7.33
CA ASP A 98 -3.81 28.58 -7.59
C ASP A 98 -3.17 29.80 -6.94
N GLN A 99 -2.97 30.86 -7.72
CA GLN A 99 -2.34 32.09 -7.21
C GLN A 99 -3.10 32.67 -6.01
N HIS A 100 -4.43 32.72 -6.11
CA HIS A 100 -5.27 33.39 -5.11
C HIS A 100 -5.45 32.58 -3.81
N SER A 101 -5.89 31.33 -3.92
CA SER A 101 -6.17 30.50 -2.74
C SER A 101 -4.96 29.66 -2.31
N LYS A 102 -3.96 29.60 -3.19
CA LYS A 102 -2.72 28.83 -2.98
C LYS A 102 -2.93 27.32 -2.82
N THR A 103 -4.04 26.82 -3.35
CA THR A 103 -4.33 25.39 -3.32
C THR A 103 -3.50 24.68 -4.39
N PRO A 104 -2.69 23.70 -3.97
CA PRO A 104 -1.73 23.03 -4.85
C PRO A 104 -2.30 21.85 -5.63
N SER A 105 -1.75 21.62 -6.82
CA SER A 105 -2.11 20.49 -7.66
C SER A 105 -0.87 19.71 -8.04
N LEU A 106 -0.89 18.41 -7.84
CA LEU A 106 0.15 17.54 -8.36
C LEU A 106 -0.28 16.99 -9.71
N ILE A 107 0.64 16.98 -10.67
CA ILE A 107 0.33 16.57 -12.04
C ILE A 107 1.11 15.29 -12.34
N PHE A 108 0.38 14.26 -12.77
CA PHE A 108 0.97 12.96 -13.06
C PHE A 108 0.75 12.56 -14.52
N GLU A 109 1.56 11.61 -14.98
CA GLU A 109 1.32 10.91 -16.23
C GLU A 109 -0.09 10.33 -16.14
N TYR A 110 -0.79 10.27 -17.27
CA TYR A 110 -2.16 9.78 -17.28
C TYR A 110 -2.26 8.32 -16.85
N VAL A 111 -3.20 8.06 -15.94
CA VAL A 111 -3.47 6.72 -15.44
C VAL A 111 -4.95 6.47 -15.66
N ASN A 112 -5.27 5.38 -16.35
CA ASN A 112 -6.66 4.97 -16.50
C ASN A 112 -7.05 4.02 -15.36
N ASN A 113 -8.33 4.00 -15.03
CA ASN A 113 -8.77 3.27 -13.86
C ASN A 113 -9.96 2.37 -14.16
N THR A 114 -9.77 1.08 -13.94
CA THR A 114 -10.88 0.14 -13.96
C THR A 114 -11.25 -0.16 -12.50
N ASP A 115 -12.47 0.24 -12.13
CA ASP A 115 -13.00 0.05 -10.76
C ASP A 115 -12.74 -1.38 -10.26
N PHE A 116 -12.00 -1.48 -9.16
CA PHE A 116 -11.59 -2.77 -8.60
C PHE A 116 -12.74 -3.66 -8.15
N LYS A 117 -13.80 -3.03 -7.66
CA LYS A 117 -14.99 -3.74 -7.18
C LYS A 117 -15.71 -4.49 -8.31
N VAL A 118 -15.60 -3.97 -9.53
CA VAL A 118 -16.15 -4.62 -10.72
C VAL A 118 -15.10 -5.54 -11.38
N LEU A 119 -13.82 -5.13 -11.30
CA LEU A 119 -12.72 -5.86 -11.94
C LEU A 119 -12.36 -7.20 -11.28
N TYR A 120 -12.20 -7.19 -9.96
CA TYR A 120 -11.71 -8.36 -9.21
C TYR A 120 -12.54 -9.64 -9.43
N PRO A 121 -13.89 -9.55 -9.47
CA PRO A 121 -14.69 -10.75 -9.76
C PRO A 121 -14.39 -11.42 -11.12
N THR A 122 -13.88 -10.65 -12.07
CA THR A 122 -13.57 -11.18 -13.40
C THR A 122 -12.10 -11.62 -13.61
N LEU A 123 -11.25 -11.42 -12.61
CA LEU A 123 -9.84 -11.83 -12.73
C LEU A 123 -9.71 -13.35 -12.75
N THR A 124 -8.91 -13.82 -13.69
CA THR A 124 -8.59 -15.24 -13.76
C THR A 124 -7.47 -15.53 -12.78
N ASP A 125 -7.33 -16.80 -12.42
CA ASP A 125 -6.21 -17.28 -11.59
C ASP A 125 -4.91 -16.63 -12.06
N TYR A 126 -4.68 -16.64 -13.38
CA TYR A 126 -3.46 -16.05 -13.94
C TYR A 126 -3.35 -14.54 -13.72
N ASP A 127 -4.44 -13.80 -13.96
CA ASP A 127 -4.45 -12.34 -13.79
C ASP A 127 -4.03 -11.90 -12.39
N ILE A 128 -4.47 -12.66 -11.39
CA ILE A 128 -4.15 -12.41 -9.97
C ILE A 128 -2.64 -12.62 -9.70
N ARG A 129 -2.08 -13.65 -10.29
CA ARG A 129 -0.64 -13.91 -10.21
C ARG A 129 0.08 -12.74 -10.89
N TYR A 130 -0.34 -12.42 -12.11
CA TYR A 130 0.22 -11.31 -12.87
C TYR A 130 0.18 -9.96 -12.15
N TYR A 131 -1.01 -9.46 -11.79
CA TYR A 131 -1.11 -8.13 -11.15
C TYR A 131 -0.44 -8.03 -9.77
N ILE A 132 -0.50 -9.11 -8.97
CA ILE A 132 0.18 -9.09 -7.67
C ILE A 132 1.70 -9.03 -7.85
N TYR A 133 2.21 -9.77 -8.83
CA TYR A 133 3.61 -9.69 -9.23
C TYR A 133 4.00 -8.25 -9.65
N GLU A 134 3.14 -7.61 -10.45
CA GLU A 134 3.39 -6.22 -10.84
C GLU A 134 3.37 -5.26 -9.64
N LEU A 135 2.45 -5.49 -8.71
CA LEU A 135 2.42 -4.73 -7.47
C LEU A 135 3.69 -4.95 -6.65
N LEU A 136 4.14 -6.21 -6.58
CA LEU A 136 5.35 -6.59 -5.86
C LEU A 136 6.61 -5.90 -6.38
N LYS A 137 6.66 -5.65 -7.69
CA LYS A 137 7.76 -4.91 -8.32
C LYS A 137 7.79 -3.47 -7.81
N ALA A 138 6.62 -2.84 -7.71
CA ALA A 138 6.49 -1.47 -7.22
C ALA A 138 6.93 -1.37 -5.77
N LEU A 139 6.51 -2.35 -4.97
CA LEU A 139 6.85 -2.38 -3.56
C LEU A 139 8.32 -2.68 -3.31
N ASP A 140 8.88 -3.67 -4.00
CA ASP A 140 10.31 -3.95 -3.83
C ASP A 140 11.14 -2.72 -4.17
N TYR A 141 10.78 -2.04 -5.27
CA TYR A 141 11.47 -0.83 -5.68
C TYR A 141 11.42 0.28 -4.61
N CYS A 142 10.24 0.58 -4.08
CA CYS A 142 10.13 1.70 -3.14
C CYS A 142 10.77 1.37 -1.80
N HIS A 143 10.65 0.12 -1.36
CA HIS A 143 11.37 -0.37 -0.18
C HIS A 143 12.90 -0.27 -0.35
N SER A 144 13.39 -0.67 -1.53
CA SER A 144 14.82 -0.55 -1.88
C SER A 144 15.30 0.89 -1.93
N GLN A 145 14.37 1.84 -2.08
CA GLN A 145 14.70 3.26 -2.07
C GLN A 145 14.44 3.86 -0.69
N GLY A 146 14.17 2.99 0.28
CA GLY A 146 14.02 3.40 1.68
C GLY A 146 12.73 4.10 1.99
N ILE A 147 11.67 3.74 1.26
CA ILE A 147 10.35 4.33 1.46
C ILE A 147 9.30 3.24 1.68
N MET A 148 8.46 3.42 2.69
CA MET A 148 7.27 2.60 2.91
C MET A 148 6.10 3.35 2.28
N HIS A 149 5.18 2.65 1.63
CA HIS A 149 3.96 3.28 1.09
C HIS A 149 2.94 3.56 2.20
N ARG A 150 2.75 2.58 3.08
CA ARG A 150 1.88 2.71 4.27
C ARG A 150 0.38 2.91 3.99
N ASP A 151 -0.06 2.63 2.75
CA ASP A 151 -1.49 2.72 2.42
C ASP A 151 -1.84 1.85 1.21
N VAL A 152 -1.26 0.66 1.17
CA VAL A 152 -1.53 -0.32 0.12
C VAL A 152 -2.96 -0.85 0.28
N LYS A 153 -3.73 -0.73 -0.79
CA LYS A 153 -5.14 -1.15 -0.81
C LYS A 153 -5.61 -1.14 -2.26
N PRO A 154 -6.70 -1.88 -2.57
CA PRO A 154 -7.26 -1.92 -3.92
C PRO A 154 -7.33 -0.57 -4.64
N HIS A 155 -7.89 0.46 -4.00
CA HIS A 155 -7.97 1.80 -4.62
C HIS A 155 -6.60 2.35 -5.03
N ASN A 156 -5.59 2.14 -4.18
CA ASN A 156 -4.24 2.65 -4.47
C ASN A 156 -3.42 1.82 -5.45
N VAL A 157 -3.95 0.66 -5.81
CA VAL A 157 -3.35 -0.16 -6.85
C VAL A 157 -4.18 0.01 -8.13
N MET A 158 -3.86 1.04 -8.92
CA MET A 158 -4.66 1.36 -10.11
C MET A 158 -4.35 0.42 -11.27
N ILE A 159 -5.32 -0.43 -11.60
CA ILE A 159 -5.18 -1.36 -12.71
C ILE A 159 -5.92 -0.88 -13.96
N ASP A 160 -5.20 -0.78 -15.06
CA ASP A 160 -5.81 -0.62 -16.37
C ASP A 160 -5.86 -2.01 -17.00
N HIS A 161 -7.01 -2.67 -16.90
CA HIS A 161 -7.16 -4.04 -17.36
C HIS A 161 -7.14 -4.12 -18.88
N GLU A 162 -7.66 -3.08 -19.50
CA GLU A 162 -7.61 -2.89 -20.95
C GLU A 162 -6.16 -3.09 -21.44
N LEU A 163 -5.24 -2.30 -20.89
CA LEU A 163 -3.85 -2.26 -21.36
C LEU A 163 -2.89 -3.10 -20.51
N ARG A 164 -3.43 -3.73 -19.46
CA ARG A 164 -2.68 -4.58 -18.53
C ARG A 164 -1.55 -3.85 -17.80
N LYS A 165 -1.82 -2.62 -17.42
CA LYS A 165 -0.87 -1.78 -16.68
C LYS A 165 -1.35 -1.64 -15.25
N LEU A 166 -0.37 -1.48 -14.36
CA LEU A 166 -0.61 -1.33 -12.93
C LEU A 166 0.21 -0.14 -12.45
N ARG A 167 -0.42 0.71 -11.64
CA ARG A 167 0.28 1.84 -11.05
C ARG A 167 -0.03 1.89 -9.56
N LEU A 168 1.03 2.00 -8.74
CA LEU A 168 0.85 2.28 -7.31
C LEU A 168 0.75 3.79 -7.15
N ILE A 169 -0.38 4.23 -6.62
CA ILE A 169 -0.73 5.66 -6.55
C ILE A 169 -0.88 6.12 -5.11
N ASP A 170 -1.11 7.41 -4.96
CA ASP A 170 -1.36 8.07 -3.68
C ASP A 170 -0.30 7.83 -2.59
N TRP A 171 0.80 8.56 -2.74
CA TRP A 171 1.94 8.46 -1.86
C TRP A 171 1.86 9.47 -0.71
N GLY A 172 0.65 9.96 -0.45
CA GLY A 172 0.38 10.93 0.61
C GLY A 172 0.55 10.47 2.05
N LEU A 173 0.52 9.15 2.29
CA LEU A 173 0.77 8.58 3.62
C LEU A 173 2.16 7.94 3.76
N ALA A 174 2.92 7.91 2.67
CA ALA A 174 4.25 7.28 2.65
C ALA A 174 5.31 8.00 3.51
N GLU A 175 6.32 7.25 3.95
CA GLU A 175 7.42 7.77 4.76
C GLU A 175 8.75 7.11 4.38
N PHE A 176 9.84 7.79 4.72
CA PHE A 176 11.18 7.24 4.62
C PHE A 176 11.43 6.33 5.84
N TYR A 177 12.04 5.17 5.61
CA TYR A 177 12.39 4.31 6.74
C TYR A 177 13.75 4.65 7.35
N HIS A 178 13.76 4.87 8.67
CA HIS A 178 14.97 5.06 9.46
C HIS A 178 14.95 4.08 10.62
N PRO A 179 15.97 3.22 10.74
CA PRO A 179 16.05 2.23 11.82
C PRO A 179 15.83 2.82 13.21
N GLY A 180 14.92 2.22 13.96
CA GLY A 180 14.60 2.69 15.31
C GLY A 180 13.56 3.80 15.41
N LYS A 181 13.27 4.49 14.30
CA LYS A 181 12.33 5.61 14.31
C LYS A 181 10.92 5.13 14.67
N GLU A 182 10.20 5.95 15.42
CA GLU A 182 8.87 5.60 15.90
C GLU A 182 7.82 6.38 15.16
N TYR A 183 7.01 5.66 14.38
CA TYR A 183 6.08 6.29 13.46
C TYR A 183 4.69 6.44 14.03
N ASN A 184 3.90 7.29 13.38
CA ASN A 184 2.48 7.40 13.67
C ASN A 184 1.80 6.12 13.19
N VAL A 185 0.94 5.55 14.02
CA VAL A 185 0.21 4.33 13.65
C VAL A 185 -1.09 4.65 12.91
N ARG A 186 -1.43 5.94 12.85
CA ARG A 186 -2.63 6.38 12.14
C ARG A 186 -2.37 6.45 10.65
N VAL A 187 -1.96 5.32 10.08
CA VAL A 187 -1.71 5.23 8.64
C VAL A 187 -2.50 4.06 8.04
N ALA A 188 -2.34 3.85 6.73
CA ALA A 188 -3.09 2.83 5.98
C ALA A 188 -4.60 3.02 6.08
N SER A 189 -5.35 2.04 5.62
CA SER A 189 -6.81 2.07 5.78
C SER A 189 -7.21 0.85 6.58
N ARG A 190 -8.30 0.94 7.35
CA ARG A 190 -8.56 -0.03 8.42
C ARG A 190 -8.37 -1.50 8.04
N TYR A 191 -9.04 -1.93 6.97
CA TYR A 191 -9.05 -3.33 6.54
C TYR A 191 -7.67 -3.85 6.16
N PHE A 192 -6.74 -2.91 5.96
CA PHE A 192 -5.41 -3.21 5.45
C PHE A 192 -4.32 -2.80 6.42
N LYS A 193 -4.74 -2.42 7.63
CA LYS A 193 -3.83 -2.10 8.75
C LYS A 193 -3.26 -3.37 9.35
N GLY A 194 -1.93 -3.42 9.46
CA GLY A 194 -1.24 -4.50 10.15
C GLY A 194 -1.50 -4.52 11.65
N PRO A 195 -1.30 -5.67 12.31
CA PRO A 195 -1.39 -5.81 13.75
C PRO A 195 -0.49 -4.82 14.51
N GLU A 196 0.69 -4.55 13.96
CA GLU A 196 1.61 -3.52 14.52
C GLU A 196 0.91 -2.18 14.74
N LEU A 197 0.05 -1.79 13.81
CA LEU A 197 -0.65 -0.51 13.90
C LEU A 197 -1.76 -0.58 14.95
N LEU A 198 -2.37 -1.76 15.02
CA LEU A 198 -3.52 -2.01 15.88
C LEU A 198 -3.12 -2.26 17.34
N VAL A 199 -1.86 -2.61 17.57
CA VAL A 199 -1.33 -2.80 18.92
C VAL A 199 -0.33 -1.71 19.33
N ASP A 200 -0.32 -0.60 18.59
CA ASP A 200 0.56 0.55 18.83
C ASP A 200 2.08 0.27 18.78
N LEU A 201 2.49 -0.65 17.90
CA LEU A 201 3.92 -0.88 17.69
C LEU A 201 4.40 0.14 16.66
N GLN A 202 5.10 1.16 17.13
CA GLN A 202 5.44 2.33 16.34
C GLN A 202 6.67 2.15 15.46
N ASP A 203 7.62 1.35 15.92
CA ASP A 203 8.84 1.13 15.16
C ASP A 203 8.66 0.00 14.12
N TYR A 204 7.72 0.22 13.22
CA TYR A 204 7.44 -0.69 12.10
C TYR A 204 8.25 -0.29 10.86
N ASP A 205 8.17 -1.09 9.80
CA ASP A 205 9.00 -0.89 8.62
C ASP A 205 8.29 -1.26 7.31
N TYR A 206 9.07 -1.45 6.25
CA TYR A 206 8.56 -1.88 4.95
C TYR A 206 7.54 -3.03 5.04
N SER A 207 7.75 -3.94 5.99
CA SER A 207 6.91 -5.14 6.20
C SER A 207 5.44 -4.85 6.43
N LEU A 208 5.13 -3.62 6.79
CA LEU A 208 3.75 -3.15 6.92
C LEU A 208 3.01 -3.31 5.59
N ASP A 209 3.68 -2.94 4.50
CA ASP A 209 3.09 -3.00 3.15
C ASP A 209 2.79 -4.42 2.69
N MET A 210 3.53 -5.38 3.27
CA MET A 210 3.38 -6.80 2.93
C MET A 210 2.15 -7.41 3.59
N TRP A 211 1.82 -6.93 4.79
CA TRP A 211 0.56 -7.31 5.43
C TRP A 211 -0.60 -6.82 4.59
N SER A 212 -0.56 -5.55 4.21
CA SER A 212 -1.59 -4.93 3.38
C SER A 212 -1.80 -5.68 2.07
N LEU A 213 -0.71 -6.03 1.39
CA LEU A 213 -0.77 -6.88 0.20
C LEU A 213 -1.36 -8.25 0.52
N GLY A 214 -0.93 -8.86 1.62
CA GLY A 214 -1.50 -10.13 2.08
C GLY A 214 -3.02 -10.05 2.16
N CYS A 215 -3.52 -8.96 2.73
CA CYS A 215 -4.96 -8.69 2.85
C CYS A 215 -5.65 -8.58 1.49
N MET A 216 -5.02 -7.89 0.54
CA MET A 216 -5.53 -7.77 -0.83
C MET A 216 -5.53 -9.12 -1.52
N PHE A 217 -4.41 -9.83 -1.40
CA PHE A 217 -4.28 -11.16 -2.00
C PHE A 217 -5.31 -12.14 -1.43
N ALA A 218 -5.51 -12.11 -0.12
CA ALA A 218 -6.53 -12.93 0.54
C ALA A 218 -7.94 -12.66 0.01
N GLY A 219 -8.26 -11.38 -0.18
CA GLY A 219 -9.54 -10.96 -0.75
C GLY A 219 -9.76 -11.39 -2.20
N MET A 220 -8.71 -11.36 -3.01
CA MET A 220 -8.77 -11.82 -4.39
C MET A 220 -9.05 -13.31 -4.52
N ILE A 221 -8.18 -14.15 -3.94
CA ILE A 221 -8.31 -15.60 -4.10
C ILE A 221 -9.57 -16.19 -3.43
N PHE A 222 -10.00 -15.57 -2.34
CA PHE A 222 -11.17 -16.04 -1.61
C PHE A 222 -12.47 -15.34 -2.02
N ARG A 223 -12.33 -14.25 -2.80
CA ARG A 223 -13.48 -13.42 -3.19
C ARG A 223 -14.32 -12.99 -1.98
N LYS A 224 -13.61 -12.60 -0.92
CA LYS A 224 -14.21 -12.08 0.31
C LYS A 224 -13.61 -10.71 0.54
N GLU A 225 -14.36 -9.66 0.22
CA GLU A 225 -13.81 -8.31 0.18
C GLU A 225 -14.57 -7.23 0.95
N PRO A 226 -13.93 -6.65 1.98
CA PRO A 226 -12.52 -6.92 2.34
C PRO A 226 -12.39 -8.27 3.04
N PHE A 227 -11.17 -8.79 3.17
CA PHE A 227 -10.97 -10.07 3.83
C PHE A 227 -11.21 -9.96 5.34
N PHE A 228 -10.67 -8.91 5.94
CA PHE A 228 -10.91 -8.60 7.35
C PHE A 228 -11.82 -7.39 7.42
N TYR A 229 -13.08 -7.64 7.79
CA TYR A 229 -14.12 -6.60 7.80
C TYR A 229 -14.49 -6.14 9.21
N GLY A 230 -13.66 -5.27 9.77
CA GLY A 230 -13.88 -4.73 11.11
C GLY A 230 -14.49 -3.33 11.07
N HIS A 231 -15.25 -2.98 12.11
CA HIS A 231 -15.94 -1.69 12.15
C HIS A 231 -15.01 -0.56 12.59
N ASP A 232 -14.39 -0.69 13.75
CA ASP A 232 -13.40 0.27 14.22
C ASP A 232 -12.06 -0.44 14.39
N ASN A 233 -11.05 0.30 14.85
CA ASN A 233 -9.70 -0.25 15.00
C ASN A 233 -9.58 -1.43 15.97
N HIS A 234 -10.35 -1.39 17.05
CA HIS A 234 -10.42 -2.51 18.00
C HIS A 234 -10.96 -3.77 17.33
N ASP A 235 -12.08 -3.62 16.62
CA ASP A 235 -12.74 -4.73 15.93
C ASP A 235 -11.88 -5.32 14.80
N GLN A 236 -11.10 -4.46 14.15
CA GLN A 236 -10.17 -4.91 13.10
C GLN A 236 -9.14 -5.90 13.64
N LEU A 237 -8.63 -5.66 14.85
CA LEU A 237 -7.78 -6.65 15.52
C LEU A 237 -8.53 -7.94 15.88
N VAL A 238 -9.74 -7.80 16.40
CA VAL A 238 -10.59 -8.96 16.73
C VAL A 238 -10.78 -9.87 15.51
N LYS A 239 -11.07 -9.27 14.36
CA LYS A 239 -11.27 -9.99 13.11
C LYS A 239 -10.01 -10.75 12.65
N ILE A 240 -8.85 -10.18 12.91
CA ILE A 240 -7.58 -10.83 12.57
C ILE A 240 -7.34 -12.02 13.51
N ALA A 241 -7.61 -11.81 14.79
CA ALA A 241 -7.43 -12.81 15.83
C ALA A 241 -8.37 -14.01 15.69
N LYS A 242 -9.52 -13.79 15.06
CA LYS A 242 -10.50 -14.86 14.80
C LYS A 242 -10.08 -15.77 13.66
N VAL A 243 -9.18 -15.29 12.81
CA VAL A 243 -8.61 -16.09 11.73
C VAL A 243 -7.27 -16.69 12.14
N LEU A 244 -6.33 -15.82 12.55
CA LEU A 244 -4.97 -16.26 12.88
C LEU A 244 -4.84 -16.90 14.27
N GLY A 245 -5.81 -16.62 15.14
CA GLY A 245 -5.84 -17.21 16.47
C GLY A 245 -5.14 -16.34 17.49
N THR A 246 -5.58 -16.44 18.74
CA THR A 246 -5.05 -15.60 19.82
C THR A 246 -3.72 -16.09 20.39
N ASP A 247 -3.42 -17.37 20.20
CA ASP A 247 -2.13 -17.93 20.61
C ASP A 247 -0.97 -17.22 19.92
N GLY A 248 -1.03 -17.14 18.59
CA GLY A 248 -0.01 -16.47 17.79
C GLY A 248 0.09 -14.98 18.11
N LEU A 249 -1.03 -14.40 18.56
CA LEU A 249 -1.07 -13.01 18.95
C LEU A 249 -0.29 -12.82 20.25
N ASN A 250 -0.50 -13.75 21.19
CA ASN A 250 0.13 -13.69 22.50
C ASN A 250 1.66 -13.87 22.45
N VAL A 251 2.16 -14.74 21.58
CA VAL A 251 3.61 -14.88 21.38
C VAL A 251 4.22 -13.65 20.72
N TYR A 252 3.43 -12.99 19.87
CA TYR A 252 3.85 -11.77 19.19
C TYR A 252 3.96 -10.59 20.16
N LEU A 253 2.91 -10.39 20.96
CA LEU A 253 2.88 -9.33 21.98
C LEU A 253 3.94 -9.49 23.06
N ASN A 254 4.26 -10.74 23.40
CA ASN A 254 5.35 -11.01 24.34
C ASN A 254 6.71 -10.68 23.72
N LYS A 255 6.93 -11.08 22.47
CA LYS A 255 8.18 -10.83 21.74
C LYS A 255 8.60 -9.36 21.72
N TYR A 256 7.65 -8.48 21.43
CA TYR A 256 7.94 -7.05 21.34
C TYR A 256 7.56 -6.29 22.62
N ARG A 257 7.15 -7.03 23.64
CA ARG A 257 6.83 -6.48 24.96
C ARG A 257 5.73 -5.42 24.94
N ILE A 258 4.61 -5.78 24.32
CA ILE A 258 3.44 -4.92 24.26
C ILE A 258 2.35 -5.43 25.20
N GLU A 259 1.72 -4.52 25.91
CA GLU A 259 0.51 -4.83 26.64
C GLU A 259 -0.70 -4.20 25.96
N LEU A 260 -1.67 -5.04 25.61
CA LEU A 260 -2.96 -4.59 25.11
C LEU A 260 -3.75 -3.83 26.17
N ASP A 261 -4.42 -2.75 25.74
CA ASP A 261 -5.43 -2.08 26.57
C ASP A 261 -6.42 -3.13 27.04
N PRO A 262 -6.81 -3.08 28.32
CA PRO A 262 -7.71 -4.10 28.89
C PRO A 262 -9.03 -4.28 28.15
N GLN A 263 -9.61 -3.19 27.68
CA GLN A 263 -10.86 -3.25 26.90
C GLN A 263 -10.67 -3.97 25.56
N LEU A 264 -9.55 -3.68 24.90
CA LEU A 264 -9.18 -4.34 23.65
C LEU A 264 -8.90 -5.81 23.89
N GLU A 265 -8.12 -6.11 24.93
CA GLU A 265 -7.84 -7.48 25.32
C GLU A 265 -9.15 -8.25 25.52
N ALA A 266 -10.10 -7.63 26.22
CA ALA A 266 -11.44 -8.21 26.44
C ALA A 266 -12.17 -8.47 25.11
N LEU A 267 -12.16 -7.47 24.22
CA LEU A 267 -12.80 -7.60 22.90
C LEU A 267 -12.17 -8.69 22.03
N VAL A 268 -10.84 -8.84 22.13
CA VAL A 268 -10.11 -9.85 21.38
C VAL A 268 -10.52 -11.24 21.85
N GLY A 269 -10.46 -11.48 23.16
CA GLY A 269 -10.89 -12.75 23.76
C GLY A 269 -9.94 -13.89 23.50
N ARG A 270 -10.52 -15.07 23.28
CA ARG A 270 -9.75 -16.30 23.07
C ARG A 270 -10.27 -17.03 21.85
N HIS A 271 -9.38 -17.29 20.89
CA HIS A 271 -9.74 -17.91 19.61
C HIS A 271 -8.69 -18.90 19.13
N SER A 272 -9.13 -19.86 18.34
CA SER A 272 -8.25 -20.81 17.68
C SER A 272 -7.96 -20.33 16.26
N ARG A 273 -6.87 -20.84 15.69
CA ARG A 273 -6.53 -20.54 14.30
C ARG A 273 -7.53 -21.19 13.35
N LYS A 274 -7.96 -20.44 12.35
CA LYS A 274 -8.84 -20.98 11.31
C LYS A 274 -8.01 -21.19 10.05
N PRO A 275 -7.75 -22.47 9.70
CA PRO A 275 -7.02 -22.82 8.47
C PRO A 275 -7.54 -22.08 7.24
N TRP A 276 -6.62 -21.69 6.35
CA TRP A 276 -6.96 -20.92 5.15
C TRP A 276 -7.95 -21.64 4.26
N LEU A 277 -7.87 -22.96 4.23
CA LEU A 277 -8.69 -23.82 3.38
C LEU A 277 -10.17 -23.77 3.75
N LYS A 278 -10.46 -23.40 5.00
CA LYS A 278 -11.84 -23.22 5.49
C LYS A 278 -12.56 -22.02 4.86
N PHE A 279 -11.82 -21.15 4.18
CA PHE A 279 -12.40 -20.03 3.45
C PHE A 279 -12.73 -20.36 1.99
N MET A 280 -12.30 -21.53 1.53
CA MET A 280 -12.61 -21.98 0.16
C MET A 280 -14.08 -22.36 0.01
N ASN A 281 -14.67 -21.91 -1.10
CA ASN A 281 -16.03 -22.28 -1.49
C ASN A 281 -16.17 -22.37 -3.02
N ALA A 282 -17.36 -22.71 -3.50
CA ALA A 282 -17.61 -22.92 -4.93
C ALA A 282 -17.41 -21.67 -5.79
N ASP A 283 -17.48 -20.50 -5.15
CA ASP A 283 -17.28 -19.25 -5.86
C ASP A 283 -15.78 -18.99 -6.12
N ASN A 284 -14.92 -19.52 -5.25
CA ASN A 284 -13.48 -19.19 -5.26
C ASN A 284 -12.50 -20.38 -5.41
N GLN A 285 -13.06 -21.59 -5.49
CA GLN A 285 -12.30 -22.83 -5.63
C GLN A 285 -11.28 -22.81 -6.80
N HIS A 286 -11.70 -22.21 -7.93
CA HIS A 286 -10.84 -22.06 -9.12
C HIS A 286 -9.64 -21.14 -8.91
N LEU A 287 -9.57 -20.47 -7.75
CA LEU A 287 -8.51 -19.51 -7.44
C LEU A 287 -7.62 -19.99 -6.30
N VAL A 288 -8.16 -20.85 -5.45
CA VAL A 288 -7.44 -21.34 -4.28
C VAL A 288 -6.65 -22.60 -4.62
N SER A 289 -5.32 -22.47 -4.56
CA SER A 289 -4.40 -23.58 -4.76
C SER A 289 -3.45 -23.63 -3.57
N PRO A 290 -2.83 -24.80 -3.31
CA PRO A 290 -1.82 -24.92 -2.26
C PRO A 290 -0.65 -23.94 -2.37
N GLU A 291 -0.29 -23.53 -3.59
CA GLU A 291 0.75 -22.53 -3.79
C GLU A 291 0.27 -21.13 -3.37
N ALA A 292 -0.99 -20.81 -3.69
CA ALA A 292 -1.63 -19.56 -3.28
C ALA A 292 -1.69 -19.45 -1.76
N ILE A 293 -2.10 -20.54 -1.12
CA ILE A 293 -2.19 -20.63 0.34
C ILE A 293 -0.82 -20.57 1.00
N ASP A 294 0.18 -21.23 0.42
CA ASP A 294 1.53 -21.20 0.99
C ASP A 294 2.04 -19.77 0.97
N PHE A 295 1.79 -19.08 -0.15
CA PHE A 295 2.17 -17.68 -0.34
C PHE A 295 1.43 -16.76 0.64
N LEU A 296 0.10 -16.86 0.67
CA LEU A 296 -0.73 -16.10 1.60
C LEU A 296 -0.30 -16.30 3.04
N ASP A 297 -0.06 -17.56 3.41
CA ASP A 297 0.33 -17.92 4.78
C ASP A 297 1.58 -17.20 5.25
N LYS A 298 2.54 -17.03 4.34
CA LYS A 298 3.82 -16.37 4.64
C LYS A 298 3.71 -14.84 4.64
N LEU A 299 2.56 -14.32 4.22
CA LEU A 299 2.31 -12.87 4.24
C LEU A 299 1.53 -12.44 5.48
N LEU A 300 0.45 -13.14 5.78
CA LEU A 300 -0.39 -12.80 6.93
C LEU A 300 0.14 -13.44 8.20
N ARG A 301 1.19 -12.83 8.73
CA ARG A 301 1.82 -13.21 9.98
C ARG A 301 1.77 -12.00 10.90
N TYR A 302 1.35 -12.22 12.15
CA TYR A 302 1.40 -11.19 13.20
C TYR A 302 2.76 -10.48 13.25
N ASP A 303 3.81 -11.27 13.35
CA ASP A 303 5.16 -10.77 13.47
C ASP A 303 5.62 -10.22 12.12
N HIS A 304 5.82 -8.91 12.07
CA HIS A 304 6.25 -8.23 10.84
C HIS A 304 7.59 -8.74 10.34
N GLN A 305 8.45 -9.16 11.28
CA GLN A 305 9.76 -9.76 10.96
C GLN A 305 9.67 -11.16 10.30
N GLU A 306 8.55 -11.85 10.49
CA GLU A 306 8.35 -13.17 9.90
C GLU A 306 7.83 -13.12 8.45
N ARG A 307 7.21 -12.00 8.07
CA ARG A 307 6.63 -11.84 6.73
C ARG A 307 7.67 -11.88 5.61
N LEU A 308 7.25 -12.41 4.45
CA LEU A 308 8.07 -12.37 3.25
C LEU A 308 8.33 -10.91 2.87
N THR A 309 9.56 -10.64 2.46
CA THR A 309 9.89 -9.37 1.84
C THR A 309 9.31 -9.39 0.42
N ALA A 310 9.25 -8.23 -0.22
CA ALA A 310 8.69 -8.15 -1.56
C ALA A 310 9.56 -8.91 -2.56
N LEU A 311 10.88 -8.89 -2.35
CA LEU A 311 11.83 -9.55 -3.24
C LEU A 311 11.71 -11.07 -3.14
N GLU A 312 11.54 -11.56 -1.91
CA GLU A 312 11.30 -12.98 -1.64
C GLU A 312 9.99 -13.43 -2.28
N ALA A 313 8.96 -12.60 -2.13
CA ALA A 313 7.62 -12.90 -2.61
C ALA A 313 7.59 -13.13 -4.13
N MET A 314 8.35 -12.31 -4.86
CA MET A 314 8.40 -12.38 -6.31
C MET A 314 8.97 -13.70 -6.83
N THR A 315 9.81 -14.33 -6.01
CA THR A 315 10.46 -15.60 -6.36
C THR A 315 9.68 -16.84 -5.89
N HIS A 316 8.61 -16.64 -5.13
CA HIS A 316 7.77 -17.77 -4.70
C HIS A 316 7.27 -18.52 -5.94
N PRO A 317 7.28 -19.87 -5.90
CA PRO A 317 6.84 -20.68 -7.06
C PRO A 317 5.43 -20.36 -7.56
N TYR A 318 4.63 -19.70 -6.73
CA TYR A 318 3.32 -19.20 -7.16
C TYR A 318 3.40 -18.35 -8.44
N PHE A 319 4.43 -17.51 -8.54
CA PHE A 319 4.58 -16.58 -9.66
C PHE A 319 5.43 -17.13 -10.78
N GLN A 320 5.76 -18.42 -10.67
CA GLN A 320 6.65 -19.09 -11.60
C GLN A 320 6.32 -18.82 -13.08
N GLN A 321 5.06 -19.00 -13.47
CA GLN A 321 4.63 -18.76 -14.86
C GLN A 321 4.72 -17.29 -15.27
N VAL A 322 4.50 -16.39 -14.32
CA VAL A 322 4.60 -14.96 -14.58
C VAL A 322 6.06 -14.57 -14.88
N ARG A 323 6.99 -15.09 -14.07
CA ARG A 323 8.42 -14.90 -14.30
C ARG A 323 8.83 -15.48 -15.66
N ALA A 324 8.43 -16.71 -15.92
CA ALA A 324 8.83 -17.41 -17.15
C ALA A 324 8.33 -16.70 -18.41
N ALA A 325 7.16 -16.07 -18.30
CA ALA A 325 6.61 -15.27 -19.41
C ALA A 325 7.31 -13.92 -19.48
N GLU A 326 7.70 -13.40 -18.31
CA GLU A 326 8.37 -12.11 -18.20
C GLU A 326 9.80 -12.23 -18.71
C1 PEG B . 10.91 -5.70 -0.19
O1 PEG B . 12.00 -6.50 -0.69
C2 PEG B . 11.03 -5.39 1.28
O2 PEG B . 9.84 -5.73 1.99
C3 PEG B . 10.10 -6.03 3.39
C4 PEG B . 8.78 -6.44 4.05
O4 PEG B . 8.73 -7.74 4.70
O18 TXQ C . -4.48 8.34 -11.31
C9 TXQ C . -4.90 8.53 -10.16
C8 TXQ C . -6.34 8.30 -9.84
C13 TXQ C . -7.23 7.84 -10.83
O17 TXQ C . -6.76 7.64 -12.10
C12 TXQ C . -8.57 7.62 -10.54
C11 TXQ C . -9.05 7.84 -9.23
C14 TXQ C . -8.17 8.28 -8.24
O16 TXQ C . -8.61 8.50 -6.98
C7 TXQ C . -6.83 8.52 -8.54
C10 TXQ C . -5.88 8.99 -7.48
O19 TXQ C . -6.30 9.18 -6.31
C2 TXQ C . -3.96 9.00 -9.10
C1 TXQ C . -4.45 9.23 -7.80
C3 TXQ C . -2.62 9.24 -9.39
C4 TXQ C . -1.74 9.68 -8.38
C5 TXQ C . -2.22 9.89 -7.09
O20 TXQ C . -1.40 10.31 -6.09
C6 TXQ C . -3.56 9.66 -6.81
O15 TXQ C . -4.02 9.87 -5.54
#